data_1OXL
#
_entry.id   1OXL
#
_cell.length_a   76.020
_cell.length_b   88.442
_cell.length_c   78.106
_cell.angle_alpha   90.00
_cell.angle_beta   90.00
_cell.angle_gamma   90.00
#
_symmetry.space_group_name_H-M   'C 2 2 21'
#
loop_
_entity.id
_entity.type
_entity.pdbx_description
1 polymer 'Phospholipase A2 VRV-PL-VIIIa'
2 non-polymer '(2-CARBAMOYLMETHYL-5-PROPYL-OCTAHYDRO-INDOL-7-YL)ACETIC ACID'
3 non-polymer 'CARBONATE ION'
4 non-polymer 'SULFATE ION'
5 water water
#
_entity_poly.entity_id   1
_entity_poly.type   'polypeptide(L)'
_entity_poly.pdbx_seq_one_letter_code
;SLLEFGKMILEETGKLAIPSYSSYGCYCGWGGKGTPKDATDRCCFVHDCCYGNLPDCNPKSDRYKYKRVNGAIVCEKGTS
CENRICECDKAAAICFRQNLNTYSKKYMLYPDFLCKGELKC
;
_entity_poly.pdbx_strand_id   A,B
#
loop_
_chem_comp.id
_chem_comp.type
_chem_comp.name
_chem_comp.formula
CO3 non-polymer 'CARBONATE ION' 'C O3 -2'
IDA non-polymer '(2-CARBAMOYLMETHYL-5-PROPYL-OCTAHYDRO-INDOL-7-YL)ACETIC ACID' 'C15 H18 N2 O3'
SO4 non-polymer 'SULFATE ION' 'O4 S -2'
#
# COMPACT_ATOMS: atom_id res chain seq x y z
N SER A 1 2.04 13.67 0.22
CA SER A 1 2.46 12.32 0.68
C SER A 1 1.33 11.33 0.52
N LEU A 2 1.64 10.04 0.64
CA LEU A 2 0.64 8.97 0.74
C LEU A 2 -0.56 9.35 1.57
N LEU A 3 -0.35 10.15 2.61
CA LEU A 3 -1.43 10.57 3.51
C LEU A 3 -2.50 11.36 2.75
N GLU A 4 -2.06 12.42 2.06
CA GLU A 4 -2.96 13.25 1.27
C GLU A 4 -3.54 12.50 0.08
N PHE A 5 -2.71 11.75 -0.61
CA PHE A 5 -3.15 10.97 -1.78
C PHE A 5 -4.26 9.99 -1.34
N GLY A 6 -4.02 9.28 -0.26
CA GLY A 6 -4.99 8.31 0.20
C GLY A 6 -6.30 8.95 0.57
N LYS A 7 -6.24 10.13 1.18
CA LYS A 7 -7.46 10.84 1.56
C LYS A 7 -8.27 11.19 0.31
N MET A 8 -7.59 11.67 -0.74
CA MET A 8 -8.26 12.00 -2.00
C MET A 8 -8.91 10.76 -2.62
N ILE A 9 -8.19 9.65 -2.55
CA ILE A 9 -8.66 8.41 -3.15
C ILE A 9 -9.94 7.97 -2.43
N LEU A 10 -9.94 8.07 -1.11
CA LEU A 10 -11.13 7.69 -0.33
C LEU A 10 -12.28 8.61 -0.66
N GLU A 11 -12.02 9.91 -0.66
CA GLU A 11 -13.05 10.90 -0.98
C GLU A 11 -13.67 10.70 -2.35
N GLU A 12 -12.85 10.36 -3.34
CA GLU A 12 -13.35 10.21 -4.71
C GLU A 12 -13.92 8.83 -5.04
N THR A 13 -13.33 7.77 -4.50
CA THR A 13 -13.77 6.42 -4.84
C THR A 13 -14.64 5.73 -3.80
N GLY A 14 -14.60 6.22 -2.57
CA GLY A 14 -15.34 5.61 -1.47
C GLY A 14 -14.54 4.48 -0.87
N LYS A 15 -13.24 3.96 -1.58
CA LYS A 15 -12.40 2.86 -1.15
C LYS A 15 -11.21 3.39 -0.39
N LEU A 16 -10.77 2.61 0.58
CA LEU A 16 -9.55 2.92 1.31
C LEU A 16 -8.40 2.64 0.35
N ALA A 17 -7.52 3.61 0.15
CA ALA A 17 -6.46 3.51 -0.84
C ALA A 17 -5.59 2.29 -0.61
N ILE A 18 -5.28 2.03 0.66
CA ILE A 18 -4.57 0.83 1.05
C ILE A 18 -5.72 0.18 1.80
N PRO A 19 -6.18 -1.02 1.40
CA PRO A 19 -5.56 -1.87 0.41
C PRO A 19 -6.13 -1.93 -1.00
N SER A 20 -7.11 -1.10 -1.35
CA SER A 20 -7.79 -1.24 -2.63
C SER A 20 -6.97 -0.91 -3.86
N TYR A 21 -6.03 0.01 -3.71
CA TYR A 21 -5.24 0.44 -4.85
C TYR A 21 -3.75 0.22 -4.66
N SER A 22 -3.33 -0.27 -3.50
CA SER A 22 -1.90 -0.40 -3.19
C SER A 22 -1.21 -1.65 -3.73
N SER A 23 -1.96 -2.51 -4.42
CA SER A 23 -1.37 -3.74 -4.97
C SER A 23 -2.00 -4.08 -6.30
N TYR A 24 -2.54 -3.06 -6.98
CA TYR A 24 -3.38 -3.29 -8.13
C TYR A 24 -2.59 -3.23 -9.40
N GLY A 25 -2.69 -4.28 -10.19
CA GLY A 25 -1.97 -4.32 -11.46
C GLY A 25 -0.48 -4.14 -11.35
N CYS A 26 0.09 -3.59 -12.42
CA CYS A 26 1.53 -3.42 -12.53
C CYS A 26 2.07 -2.11 -11.97
N TYR A 27 1.23 -1.08 -11.90
CA TYR A 27 1.70 0.24 -11.49
C TYR A 27 1.13 0.81 -10.21
N CYS A 28 0.04 0.25 -9.68
CA CYS A 28 -0.54 0.76 -8.45
C CYS A 28 0.08 -0.01 -7.31
N GLY A 29 1.21 0.50 -6.88
CA GLY A 29 2.02 -0.11 -5.85
C GLY A 29 3.41 0.46 -6.04
N TRP A 30 4.40 -0.23 -5.49
CA TRP A 30 5.81 0.12 -5.67
C TRP A 30 6.28 -0.20 -7.06
N GLY A 31 7.10 0.68 -7.61
CA GLY A 31 7.67 0.46 -8.92
C GLY A 31 6.62 0.36 -10.01
N GLY A 32 6.99 -0.29 -11.09
CA GLY A 32 6.14 -0.37 -12.24
C GLY A 32 6.95 -0.67 -13.49
N LYS A 33 6.54 -1.72 -14.17
CA LYS A 33 7.12 -2.16 -15.42
C LYS A 33 5.97 -2.85 -16.13
N GLY A 34 6.10 -3.06 -17.43
CA GLY A 34 5.09 -3.77 -18.18
C GLY A 34 3.92 -2.94 -18.67
N THR A 35 3.00 -3.61 -19.34
CA THR A 35 1.81 -2.96 -19.87
C THR A 35 0.75 -2.90 -18.78
N PRO A 36 0.27 -1.70 -18.50
CA PRO A 36 -0.80 -1.54 -17.50
C PRO A 36 -1.92 -2.51 -17.83
N LYS A 37 -2.53 -3.13 -16.82
CA LYS A 37 -3.56 -4.14 -17.01
C LYS A 37 -4.90 -3.63 -17.52
N ASP A 38 -5.24 -2.39 -17.19
CA ASP A 38 -6.55 -1.82 -17.51
C ASP A 38 -6.54 -0.31 -17.21
N ALA A 39 -7.71 0.33 -17.31
CA ALA A 39 -7.86 1.77 -17.11
C ALA A 39 -7.31 2.21 -15.76
N THR A 40 -7.71 1.51 -14.72
CA THR A 40 -7.25 1.84 -13.36
C THR A 40 -5.74 1.78 -13.28
N ASP A 41 -5.15 0.71 -13.83
CA ASP A 41 -3.70 0.55 -13.81
C ASP A 41 -3.04 1.69 -14.61
N ARG A 42 -3.66 2.11 -15.71
CA ARG A 42 -3.16 3.24 -16.50
C ARG A 42 -3.17 4.52 -15.65
N CYS A 43 -4.17 4.66 -14.78
CA CYS A 43 -4.21 5.80 -13.88
C CYS A 43 -2.91 5.85 -13.09
N CYS A 44 -2.47 4.70 -12.59
CA CYS A 44 -1.26 4.63 -11.79
C CYS A 44 -0.03 4.82 -12.65
N PHE A 45 -0.04 4.27 -13.87
CA PHE A 45 1.05 4.49 -14.82
C PHE A 45 1.28 6.00 -15.00
N VAL A 46 0.22 6.69 -15.34
CA VAL A 46 0.25 8.14 -15.53
C VAL A 46 0.70 8.88 -14.26
N HIS A 47 0.19 8.45 -13.11
CA HIS A 47 0.57 9.03 -11.83
C HIS A 47 2.09 8.93 -11.63
N ASP A 48 2.63 7.76 -11.91
CA ASP A 48 4.07 7.50 -11.83
C ASP A 48 4.82 8.44 -12.77
N CYS A 49 4.30 8.60 -13.99
CA CYS A 49 4.91 9.50 -14.99
C CYS A 49 4.94 10.93 -14.48
N CYS A 50 3.84 11.34 -13.87
CA CYS A 50 3.67 12.68 -13.30
C CYS A 50 4.69 12.88 -12.17
N TYR A 51 4.78 11.94 -11.24
CA TYR A 51 5.79 12.03 -10.18
C TYR A 51 7.22 12.06 -10.75
N GLY A 52 7.45 11.27 -11.80
CA GLY A 52 8.75 11.16 -12.43
C GLY A 52 9.20 12.43 -13.12
N ASN A 53 8.26 13.35 -13.30
CA ASN A 53 8.54 14.67 -13.84
C ASN A 53 8.65 15.73 -12.75
N LEU A 54 8.78 15.26 -11.51
CA LEU A 54 8.97 16.14 -10.37
C LEU A 54 10.33 15.80 -9.70
N PRO A 55 11.42 15.84 -10.46
CA PRO A 55 12.71 15.38 -9.91
C PRO A 55 13.25 16.29 -8.81
N ASP A 56 12.79 17.53 -8.82
CA ASP A 56 13.19 18.51 -7.82
C ASP A 56 12.36 18.39 -6.55
N CYS A 57 11.48 17.39 -6.49
CA CYS A 57 10.63 17.18 -5.33
C CYS A 57 10.76 15.77 -4.76
N ASN A 58 10.05 15.52 -3.66
CA ASN A 58 9.95 14.21 -3.03
C ASN A 58 8.45 13.89 -2.94
N PRO A 59 7.85 13.52 -4.07
CA PRO A 59 6.40 13.38 -4.19
C PRO A 59 5.75 12.47 -3.14
N LYS A 60 6.38 11.17 -2.77
CA LYS A 60 5.82 10.20 -1.83
C LYS A 60 5.85 10.70 -0.39
N SER A 61 6.82 11.55 -0.05
CA SER A 61 6.95 11.98 1.34
C SER A 61 6.58 13.42 1.64
N ASP A 62 6.65 14.30 0.65
CA ASP A 62 6.37 15.71 0.84
C ASP A 62 4.90 15.96 1.22
N ARG A 63 4.67 16.70 2.30
CA ARG A 63 3.32 17.01 2.75
C ARG A 63 2.77 18.25 2.06
N TYR A 64 1.48 18.27 1.80
CA TYR A 64 0.85 19.43 1.18
C TYR A 64 -0.57 19.51 1.68
N LYS A 65 -1.23 20.63 1.43
CA LYS A 65 -2.61 20.78 1.83
C LYS A 65 -3.49 21.06 0.63
N TYR A 66 -4.74 20.63 0.72
CA TYR A 66 -5.71 20.83 -0.33
C TYR A 66 -7.08 21.02 0.29
N LYS A 67 -8.03 21.47 -0.50
CA LYS A 67 -9.39 21.69 -0.01
C LYS A 67 -10.40 21.24 -1.06
N ARG A 68 -11.65 21.15 -0.65
CA ARG A 68 -12.74 20.81 -1.56
C ARG A 68 -13.66 22.02 -1.69
N VAL A 69 -13.90 22.46 -2.91
CA VAL A 69 -14.77 23.60 -3.15
C VAL A 69 -15.79 23.23 -4.24
N ASN A 70 -17.07 23.42 -3.94
CA ASN A 70 -18.13 23.05 -4.88
C ASN A 70 -18.06 21.60 -5.37
N GLY A 71 -17.74 20.71 -4.45
CA GLY A 71 -17.70 19.28 -4.70
C GLY A 71 -16.43 18.71 -5.29
N ALA A 72 -15.44 19.55 -5.60
CA ALA A 72 -14.21 19.07 -6.26
C ALA A 72 -12.93 19.49 -5.55
N ILE A 73 -11.87 18.72 -5.76
CA ILE A 73 -10.58 18.97 -5.14
C ILE A 73 -9.95 20.24 -5.68
N VAL A 74 -9.40 21.06 -4.77
CA VAL A 74 -8.72 22.29 -5.17
C VAL A 74 -7.37 22.33 -4.49
N CYS A 75 -6.33 22.29 -5.30
CA CYS A 75 -4.99 22.30 -4.76
C CYS A 75 -4.68 23.73 -4.30
N GLU A 76 -4.20 23.87 -3.07
CA GLU A 76 -3.94 25.20 -2.49
C GLU A 76 -3.10 26.14 -3.35
N LYS A 77 -2.36 27.02 -2.68
CA LYS A 77 -1.50 27.97 -3.37
C LYS A 77 -0.06 27.62 -3.03
N GLY A 78 0.48 26.51 -2.23
CA GLY A 78 1.63 26.14 -1.40
C GLY A 78 2.91 26.33 -2.20
N THR A 79 3.92 25.53 -1.89
CA THR A 79 5.17 25.62 -2.64
C THR A 79 4.95 25.06 -4.04
N SER A 80 5.89 25.32 -4.94
CA SER A 80 5.77 24.80 -6.29
C SER A 80 5.69 23.28 -6.24
N CYS A 81 6.54 22.68 -5.42
CA CYS A 81 6.53 21.22 -5.27
C CYS A 81 5.18 20.72 -4.72
N GLU A 82 4.70 21.34 -3.65
CA GLU A 82 3.43 20.98 -3.04
C GLU A 82 2.28 21.05 -4.05
N ASN A 83 2.23 22.14 -4.83
CA ASN A 83 1.17 22.31 -5.79
C ASN A 83 1.21 21.22 -6.88
N ARG A 84 2.39 20.91 -7.38
CA ARG A 84 2.50 19.94 -8.49
C ARG A 84 2.18 18.52 -8.01
N ILE A 85 2.67 18.17 -6.85
CA ILE A 85 2.41 16.85 -6.30
C ILE A 85 0.90 16.70 -6.11
N CYS A 86 0.30 17.71 -5.50
CA CYS A 86 -1.15 17.76 -5.29
C CYS A 86 -1.92 17.54 -6.61
N GLU A 87 -1.46 18.17 -7.69
CA GLU A 87 -2.15 18.03 -8.97
C GLU A 87 -1.97 16.64 -9.54
N CYS A 88 -0.76 16.07 -9.43
CA CYS A 88 -0.55 14.67 -9.84
C CYS A 88 -1.51 13.76 -9.08
N ASP A 89 -1.64 13.99 -7.78
CA ASP A 89 -2.49 13.15 -6.96
C ASP A 89 -3.96 13.33 -7.34
N LYS A 90 -4.39 14.58 -7.50
CA LYS A 90 -5.77 14.89 -7.86
C LYS A 90 -6.17 14.22 -9.17
N ALA A 91 -5.31 14.31 -10.17
CA ALA A 91 -5.62 13.73 -11.46
C ALA A 91 -5.81 12.21 -11.34
N ALA A 92 -5.00 11.59 -10.50
CA ALA A 92 -5.05 10.15 -10.31
C ALA A 92 -6.30 9.72 -9.55
N ALA A 93 -6.66 10.44 -8.51
CA ALA A 93 -7.82 10.06 -7.71
C ALA A 93 -9.06 10.18 -8.58
N ILE A 94 -9.12 11.25 -9.36
CA ILE A 94 -10.25 11.43 -10.22
C ILE A 94 -10.27 10.34 -11.27
N CYS A 95 -9.10 10.03 -11.83
CA CYS A 95 -8.97 8.95 -12.82
C CYS A 95 -9.51 7.63 -12.25
N PHE A 96 -9.14 7.30 -11.01
CA PHE A 96 -9.66 6.07 -10.38
C PHE A 96 -11.19 6.11 -10.36
N ARG A 97 -11.75 7.20 -9.85
CA ARG A 97 -13.19 7.37 -9.75
C ARG A 97 -13.90 7.19 -11.11
N GLN A 98 -13.38 7.87 -12.14
CA GLN A 98 -13.91 7.83 -13.49
C GLN A 98 -13.90 6.44 -14.08
N ASN A 99 -13.03 5.59 -13.59
CA ASN A 99 -12.88 4.24 -14.09
C ASN A 99 -13.33 3.12 -13.13
N LEU A 100 -14.09 3.47 -12.10
CA LEU A 100 -14.58 2.44 -11.17
C LEU A 100 -15.41 1.37 -11.88
N ASN A 101 -16.00 1.74 -13.02
CA ASN A 101 -16.83 0.84 -13.81
C ASN A 101 -16.11 -0.37 -14.32
N THR A 102 -14.78 -0.30 -14.40
CA THR A 102 -13.97 -1.42 -14.85
C THR A 102 -12.94 -1.88 -13.80
N TYR A 103 -12.99 -1.33 -12.60
CA TYR A 103 -12.12 -1.82 -11.51
C TYR A 103 -12.44 -3.30 -11.32
N SER A 104 -11.40 -4.13 -11.32
CA SER A 104 -11.58 -5.58 -11.26
C SER A 104 -10.78 -6.18 -10.12
N LYS A 105 -11.48 -6.88 -9.24
CA LYS A 105 -10.83 -7.46 -8.08
C LYS A 105 -9.69 -8.42 -8.46
N LYS A 106 -9.73 -9.00 -9.66
CA LYS A 106 -8.70 -9.98 -10.06
C LYS A 106 -7.31 -9.36 -10.21
N TYR A 107 -7.24 -8.03 -10.29
CA TYR A 107 -5.95 -7.35 -10.40
C TYR A 107 -5.39 -6.91 -9.05
N MET A 108 -6.14 -7.15 -7.98
CA MET A 108 -5.61 -6.89 -6.64
C MET A 108 -4.56 -7.96 -6.30
N LEU A 109 -3.59 -7.60 -5.46
CA LEU A 109 -2.54 -8.50 -5.02
C LEU A 109 -1.77 -9.02 -6.23
N TYR A 110 -1.51 -8.13 -7.18
CA TYR A 110 -0.91 -8.54 -8.44
C TYR A 110 0.60 -8.68 -8.30
N PRO A 111 1.15 -9.86 -8.59
CA PRO A 111 2.58 -10.09 -8.43
C PRO A 111 3.40 -9.38 -9.50
N ASP A 112 4.40 -8.64 -9.04
CA ASP A 112 5.25 -7.81 -9.88
C ASP A 112 5.82 -8.61 -11.04
N PHE A 113 6.10 -10.28 -10.77
CA PHE A 113 6.86 -10.98 -11.79
C PHE A 113 6.07 -11.00 -13.09
N LEU A 114 4.77 -10.69 -13.03
CA LEU A 114 3.90 -10.73 -14.21
C LEU A 114 4.00 -9.43 -15.01
N CYS A 115 4.82 -8.50 -14.53
CA CYS A 115 4.98 -7.22 -15.17
C CYS A 115 6.44 -7.04 -15.59
N LYS A 116 6.69 -7.07 -16.88
CA LYS A 116 8.07 -6.92 -17.39
C LYS A 116 8.09 -6.00 -18.59
N GLY A 117 9.20 -5.29 -18.78
CA GLY A 117 9.34 -4.42 -19.93
C GLY A 117 9.20 -2.95 -19.64
N GLU A 118 9.93 -2.18 -20.43
CA GLU A 118 9.98 -0.74 -20.37
C GLU A 118 8.75 -0.15 -21.08
N LEU A 119 7.94 0.61 -20.35
CA LEU A 119 6.84 1.33 -20.97
C LEU A 119 7.05 2.81 -20.73
N LYS A 120 7.81 3.44 -21.61
CA LYS A 120 8.19 4.85 -21.49
C LYS A 120 7.00 5.80 -21.36
N CYS A 121 7.21 6.85 -20.55
CA CYS A 121 6.22 7.88 -20.31
C CYS A 121 6.24 8.87 -21.45
N SER B 1 -5.68 -10.02 15.12
CA SER B 1 -4.53 -10.10 16.06
C SER B 1 -3.42 -10.96 15.45
N LEU B 2 -2.22 -10.89 16.04
CA LEU B 2 -1.10 -11.74 15.58
C LEU B 2 -1.43 -13.23 15.48
N LEU B 3 -2.42 -13.72 16.25
CA LEU B 3 -2.80 -15.12 16.14
C LEU B 3 -3.20 -15.43 14.69
N GLU B 4 -4.13 -14.64 14.17
CA GLU B 4 -4.62 -14.83 12.82
C GLU B 4 -3.58 -14.43 11.77
N PHE B 5 -2.96 -13.27 11.96
CA PHE B 5 -1.94 -12.79 11.00
C PHE B 5 -0.80 -13.80 10.92
N GLY B 6 -0.35 -14.25 12.08
CA GLY B 6 0.73 -15.23 12.17
C GLY B 6 0.40 -16.52 11.46
N LYS B 7 -0.84 -16.97 11.60
CA LYS B 7 -1.28 -18.20 10.97
C LYS B 7 -1.20 -18.02 9.45
N MET B 8 -1.64 -16.87 8.98
CA MET B 8 -1.60 -16.55 7.54
C MET B 8 -0.15 -16.53 7.06
N ILE B 9 0.72 -15.92 7.84
CA ILE B 9 2.12 -15.82 7.47
C ILE B 9 2.74 -17.20 7.30
N LEU B 10 2.46 -18.07 8.26
CA LEU B 10 3.02 -19.42 8.20
C LEU B 10 2.48 -20.19 7.02
N GLU B 11 1.18 -20.08 6.79
CA GLU B 11 0.54 -20.74 5.67
C GLU B 11 1.06 -20.27 4.33
N GLU B 12 1.36 -18.99 4.21
CA GLU B 12 1.79 -18.41 2.93
C GLU B 12 3.31 -18.45 2.69
N THR B 13 4.11 -18.39 3.76
CA THR B 13 5.59 -18.31 3.65
C THR B 13 6.42 -19.48 4.18
N GLY B 14 5.83 -20.32 5.01
CA GLY B 14 6.55 -21.40 5.66
C GLY B 14 7.46 -20.87 6.75
N LYS B 15 7.30 -19.53 7.18
CA LYS B 15 8.08 -18.86 8.24
C LYS B 15 7.18 -18.49 9.41
N LEU B 16 7.75 -18.50 10.62
CA LEU B 16 7.04 -18.12 11.82
C LEU B 16 7.13 -16.59 11.90
N ALA B 17 6.00 -15.93 12.13
CA ALA B 17 5.93 -14.46 12.20
C ALA B 17 7.01 -13.91 13.14
N ILE B 18 7.06 -14.50 14.33
CA ILE B 18 8.13 -14.22 15.26
C ILE B 18 9.02 -15.44 15.12
N PRO B 19 10.28 -15.32 14.71
CA PRO B 19 10.97 -14.07 14.45
C PRO B 19 11.18 -13.61 13.01
N SER B 20 10.72 -14.35 12.00
CA SER B 20 11.05 -13.98 10.62
C SER B 20 10.54 -12.63 10.15
N TYR B 21 9.39 -12.20 10.65
CA TYR B 21 8.82 -10.92 10.23
C TYR B 21 8.65 -9.96 11.41
N SER B 22 9.34 -10.24 12.51
CA SER B 22 9.22 -9.42 13.72
C SER B 22 10.47 -8.60 14.03
N SER B 23 11.57 -8.77 13.30
CA SER B 23 12.70 -7.83 13.51
C SER B 23 13.38 -7.46 12.20
N TYR B 24 12.68 -7.68 11.09
CA TYR B 24 13.26 -7.53 9.76
C TYR B 24 13.11 -6.12 9.20
N GLY B 25 14.23 -5.54 8.76
CA GLY B 25 14.22 -4.21 8.17
C GLY B 25 13.73 -3.13 9.10
N CYS B 26 13.17 -2.07 8.53
CA CYS B 26 12.68 -0.98 9.34
C CYS B 26 11.25 -1.16 9.83
N TYR B 27 10.44 -1.91 9.08
CA TYR B 27 9.00 -1.99 9.39
C TYR B 27 8.42 -3.33 9.80
N CYS B 28 9.14 -4.43 9.62
CA CYS B 28 8.62 -5.75 9.99
C CYS B 28 8.96 -5.94 11.44
N GLY B 29 8.01 -5.63 12.29
CA GLY B 29 8.24 -5.55 13.71
C GLY B 29 7.38 -4.43 14.25
N TRP B 30 7.91 -3.69 15.22
CA TRP B 30 7.18 -2.62 15.88
C TRP B 30 8.01 -1.36 15.72
N GLY B 31 7.50 -0.19 16.07
CA GLY B 31 8.25 1.02 15.72
C GLY B 31 8.14 1.27 14.20
N GLY B 32 8.19 2.52 13.79
CA GLY B 32 7.92 2.79 12.39
C GLY B 32 8.51 4.05 11.85
N LYS B 33 9.75 3.92 11.41
CA LYS B 33 10.44 5.04 10.84
C LYS B 33 11.44 4.54 9.82
N GLY B 34 11.78 5.42 8.90
CA GLY B 34 12.81 5.14 7.93
C GLY B 34 12.28 4.77 6.57
N THR B 35 13.20 4.50 5.68
CA THR B 35 12.85 4.07 4.35
C THR B 35 12.87 2.55 4.36
N PRO B 36 11.80 1.90 3.91
CA PRO B 36 11.82 0.45 3.83
C PRO B 36 13.05 0.00 3.05
N LYS B 37 13.70 -1.07 3.50
CA LYS B 37 14.98 -1.52 2.94
C LYS B 37 14.88 -2.43 1.71
N ASP B 38 13.75 -3.08 1.52
CA ASP B 38 13.56 -4.01 0.40
C ASP B 38 12.08 -4.31 0.20
N ALA B 39 11.76 -5.22 -0.71
CA ALA B 39 10.36 -5.54 -1.01
C ALA B 39 9.60 -6.09 0.21
N THR B 40 10.22 -6.96 0.97
CA THR B 40 9.56 -7.52 2.15
C THR B 40 9.29 -6.42 3.17
N ASP B 41 10.28 -5.54 3.34
CA ASP B 41 10.13 -4.42 4.26
C ASP B 41 9.01 -3.50 3.77
N ARG B 42 8.88 -3.34 2.46
CA ARG B 42 7.80 -2.54 1.90
C ARG B 42 6.42 -3.17 2.21
N CYS B 43 6.36 -4.49 2.19
CA CYS B 43 5.10 -5.15 2.54
C CYS B 43 4.70 -4.70 3.94
N CYS B 44 5.67 -4.66 4.83
CA CYS B 44 5.38 -4.34 6.23
C CYS B 44 4.95 -2.90 6.38
N PHE B 45 5.64 -2.02 5.66
CA PHE B 45 5.29 -0.62 5.67
C PHE B 45 3.84 -0.44 5.21
N VAL B 46 3.48 -1.09 4.12
CA VAL B 46 2.13 -0.97 3.61
C VAL B 46 1.15 -1.51 4.64
N HIS B 47 1.54 -2.58 5.34
CA HIS B 47 0.69 -3.20 6.39
C HIS B 47 0.39 -2.20 7.51
N ASP B 48 1.41 -1.48 7.96
CA ASP B 48 1.24 -0.43 8.98
C ASP B 48 0.30 0.67 8.51
N CYS B 49 0.50 1.14 7.27
CA CYS B 49 -0.36 2.14 6.67
C CYS B 49 -1.80 1.64 6.58
N CYS B 50 -1.96 0.36 6.30
CA CYS B 50 -3.27 -0.24 6.19
C CYS B 50 -3.97 -0.15 7.56
N TYR B 51 -3.25 -0.56 8.60
CA TYR B 51 -3.80 -0.45 9.96
C TYR B 51 -4.09 1.03 10.32
N GLY B 52 -3.25 1.91 9.81
CA GLY B 52 -3.33 3.33 10.08
C GLY B 52 -4.63 3.96 9.61
N ASN B 53 -5.30 3.31 8.66
CA ASN B 53 -6.57 3.77 8.14
C ASN B 53 -7.76 3.38 9.04
N LEU B 54 -7.46 2.67 10.12
CA LEU B 54 -8.46 2.11 11.01
C LEU B 54 -8.27 2.54 12.47
N PRO B 55 -8.30 3.84 12.73
CA PRO B 55 -8.03 4.38 14.06
C PRO B 55 -9.00 3.93 15.15
N ASP B 56 -10.18 3.51 14.78
CA ASP B 56 -11.14 3.08 15.79
C ASP B 56 -11.05 1.57 16.08
N CYS B 57 -10.12 0.90 15.42
CA CYS B 57 -9.91 -0.52 15.61
C CYS B 57 -8.66 -0.77 16.46
N ASN B 58 -8.46 -2.03 16.83
CA ASN B 58 -7.27 -2.45 17.56
C ASN B 58 -6.70 -3.78 17.07
N PRO B 59 -5.98 -3.74 15.96
CA PRO B 59 -5.40 -4.95 15.36
C PRO B 59 -4.55 -5.76 16.32
N LYS B 60 -3.79 -5.30 17.44
CA LYS B 60 -3.05 -6.11 18.39
C LYS B 60 -3.95 -7.14 19.07
N SER B 61 -5.21 -6.76 19.32
CA SER B 61 -6.14 -7.59 20.08
C SER B 61 -7.46 -7.95 19.38
N ASP B 62 -7.77 -7.30 18.27
CA ASP B 62 -8.99 -7.59 17.54
C ASP B 62 -8.83 -8.91 16.81
N ARG B 63 -9.55 -9.92 17.29
CA ARG B 63 -9.56 -11.24 16.67
C ARG B 63 -10.60 -11.23 15.55
N TYR B 64 -10.46 -12.12 14.58
CA TYR B 64 -11.41 -12.20 13.48
C TYR B 64 -11.36 -13.61 12.95
N LYS B 65 -12.33 -13.96 12.12
CA LYS B 65 -12.37 -15.26 11.50
C LYS B 65 -12.01 -15.18 10.03
N TYR B 66 -11.17 -16.10 9.62
CA TYR B 66 -10.87 -16.29 8.21
C TYR B 66 -10.84 -17.79 7.95
N LYS B 67 -11.12 -18.16 6.70
CA LYS B 67 -11.13 -19.55 6.28
C LYS B 67 -10.43 -19.66 4.96
N ARG B 68 -10.25 -20.87 4.50
CA ARG B 68 -9.64 -21.09 3.20
C ARG B 68 -10.68 -21.68 2.28
N VAL B 69 -10.90 -21.04 1.15
CA VAL B 69 -11.85 -21.52 0.15
C VAL B 69 -11.15 -21.55 -1.18
N ASN B 70 -11.17 -22.71 -1.84
CA ASN B 70 -10.52 -22.82 -3.15
C ASN B 70 -9.06 -22.37 -3.02
N GLY B 71 -8.45 -22.69 -1.89
CA GLY B 71 -7.05 -22.40 -1.68
C GLY B 71 -6.68 -20.99 -1.23
N ALA B 72 -7.64 -20.05 -1.28
CA ALA B 72 -7.39 -18.64 -1.00
C ALA B 72 -7.97 -18.24 0.35
N ILE B 73 -7.32 -17.29 0.98
CA ILE B 73 -7.81 -16.71 2.24
C ILE B 73 -9.11 -15.94 2.00
N VAL B 74 -10.10 -16.23 2.84
CA VAL B 74 -11.37 -15.54 2.80
C VAL B 74 -11.64 -14.90 4.16
N CYS B 75 -11.74 -13.58 4.19
CA CYS B 75 -12.06 -12.85 5.41
C CYS B 75 -13.56 -12.93 5.55
N GLU B 76 -14.00 -13.70 6.53
CA GLU B 76 -15.42 -13.95 6.76
C GLU B 76 -16.14 -12.70 7.20
N LYS B 77 -17.44 -12.62 6.89
CA LYS B 77 -18.21 -11.47 7.30
C LYS B 77 -18.17 -11.41 8.82
N GLY B 78 -17.62 -10.18 9.28
CA GLY B 78 -17.80 -9.80 10.68
C GLY B 78 -18.00 -8.30 10.82
N THR B 79 -17.48 -7.73 11.91
CA THR B 79 -17.57 -6.28 12.07
C THR B 79 -16.70 -5.58 11.05
N SER B 80 -16.95 -4.29 10.87
CA SER B 80 -16.15 -3.51 9.95
C SER B 80 -14.67 -3.61 10.32
N CYS B 81 -14.35 -3.45 11.60
CA CYS B 81 -12.97 -3.59 12.05
C CYS B 81 -12.39 -4.98 11.71
N GLU B 82 -13.12 -6.04 12.01
CA GLU B 82 -12.64 -7.40 11.78
C GLU B 82 -12.35 -7.60 10.30
N ASN B 83 -13.28 -7.18 9.45
CA ASN B 83 -13.06 -7.36 8.01
C ASN B 83 -11.87 -6.58 7.48
N ARG B 84 -11.75 -5.32 7.86
CA ARG B 84 -10.67 -4.46 7.38
C ARG B 84 -9.31 -4.91 7.88
N ILE B 85 -9.23 -5.29 9.15
CA ILE B 85 -7.98 -5.79 9.70
C ILE B 85 -7.59 -7.08 8.98
N CYS B 86 -8.58 -7.95 8.78
CA CYS B 86 -8.32 -9.20 8.09
C CYS B 86 -7.76 -8.94 6.69
N GLU B 87 -8.35 -8.00 5.97
CA GLU B 87 -7.88 -7.71 4.61
C GLU B 87 -6.46 -7.16 4.62
N CYS B 88 -6.13 -6.38 5.64
CA CYS B 88 -4.78 -5.86 5.77
C CYS B 88 -3.80 -7.01 5.97
N ASP B 89 -4.18 -7.92 6.85
CA ASP B 89 -3.32 -9.05 7.18
C ASP B 89 -3.14 -9.95 5.97
N LYS B 90 -4.24 -10.23 5.28
CA LYS B 90 -4.21 -11.08 4.09
C LYS B 90 -3.28 -10.48 3.04
N ALA B 91 -3.43 -9.20 2.77
CA ALA B 91 -2.58 -8.55 1.76
C ALA B 91 -1.09 -8.63 2.11
N ALA B 92 -0.78 -8.42 3.38
CA ALA B 92 0.62 -8.50 3.81
C ALA B 92 1.21 -9.93 3.72
N ALA B 93 0.45 -10.94 4.18
CA ALA B 93 0.97 -12.30 4.14
C ALA B 93 1.22 -12.72 2.69
N ILE B 94 0.35 -12.31 1.78
CA ILE B 94 0.51 -12.67 0.37
C ILE B 94 1.69 -11.87 -0.22
N CYS B 95 1.81 -10.61 0.19
CA CYS B 95 2.96 -9.79 -0.21
C CYS B 95 4.27 -10.44 0.23
N PHE B 96 4.33 -10.92 1.48
CA PHE B 96 5.50 -11.63 1.97
C PHE B 96 5.81 -12.83 1.04
N ARG B 97 4.79 -13.62 0.73
CA ARG B 97 5.00 -14.78 -0.13
C ARG B 97 5.57 -14.40 -1.48
N GLN B 98 4.95 -13.41 -2.12
CA GLN B 98 5.34 -12.97 -3.46
C GLN B 98 6.78 -12.48 -3.51
N ASN B 99 7.28 -12.06 -2.35
CA ASN B 99 8.65 -11.52 -2.27
C ASN B 99 9.65 -12.40 -1.54
N LEU B 100 9.33 -13.68 -1.35
CA LEU B 100 10.26 -14.59 -0.70
C LEU B 100 11.62 -14.69 -1.42
N ASN B 101 11.62 -14.50 -2.73
CA ASN B 101 12.85 -14.52 -3.56
C ASN B 101 13.92 -13.50 -3.17
N THR B 102 13.53 -12.43 -2.48
CA THR B 102 14.49 -11.43 -2.05
C THR B 102 14.55 -11.27 -0.53
N TYR B 103 13.88 -12.16 0.20
CA TYR B 103 13.95 -12.15 1.67
C TYR B 103 15.41 -12.38 2.03
N SER B 104 16.02 -11.42 2.73
CA SER B 104 17.46 -11.43 3.08
C SER B 104 17.73 -11.43 4.60
N LYS B 105 18.38 -12.49 5.09
CA LYS B 105 18.72 -12.61 6.51
C LYS B 105 19.57 -11.43 7.01
N LYS B 106 20.21 -10.73 6.08
CA LYS B 106 21.02 -9.59 6.50
C LYS B 106 20.14 -8.53 7.15
N TYR B 107 18.83 -8.58 6.86
CA TYR B 107 17.90 -7.59 7.39
C TYR B 107 17.23 -7.99 8.69
N MET B 108 17.51 -9.20 9.16
CA MET B 108 16.97 -9.63 10.44
C MET B 108 17.75 -8.96 11.58
N LEU B 109 17.11 -8.80 12.73
CA LEU B 109 17.73 -8.14 13.88
C LEU B 109 18.33 -6.81 13.41
N TYR B 110 17.51 -6.04 12.70
CA TYR B 110 17.97 -4.82 12.04
C TYR B 110 17.98 -3.64 13.00
N PRO B 111 19.15 -3.06 13.18
CA PRO B 111 19.36 -1.95 14.10
C PRO B 111 18.61 -0.65 13.83
N ASP B 112 18.16 -0.07 14.94
CA ASP B 112 17.37 1.16 15.02
C ASP B 112 17.89 2.34 14.21
N PHE B 113 19.17 2.77 14.18
CA PHE B 113 19.82 3.97 13.68
C PHE B 113 19.95 3.90 12.16
N LEU B 114 19.65 2.73 11.61
CA LEU B 114 19.68 2.53 10.17
C LEU B 114 18.31 2.88 9.59
N CYS B 115 17.37 3.24 10.48
CA CYS B 115 16.00 3.59 10.12
C CYS B 115 15.60 4.93 10.72
N LYS B 116 15.85 6.00 9.98
CA LYS B 116 15.51 7.33 10.47
C LYS B 116 14.58 8.00 9.47
N GLY B 117 13.68 8.83 9.99
CA GLY B 117 12.77 9.59 9.15
C GLY B 117 11.35 9.10 9.27
N GLU B 118 10.40 9.99 8.97
CA GLU B 118 8.98 9.68 9.03
C GLU B 118 8.39 9.67 7.61
N LEU B 119 7.72 8.57 7.28
CA LEU B 119 7.14 8.36 5.96
C LEU B 119 5.62 8.29 6.15
N LYS B 120 4.94 9.43 6.04
CA LYS B 120 3.50 9.53 6.35
C LYS B 120 2.61 8.82 5.34
N CYS B 121 1.56 8.20 5.86
CA CYS B 121 0.57 7.51 5.06
C CYS B 121 -0.74 7.39 5.82
N2 IDA C . 5.59 6.78 -8.65
C10 IDA C . 4.56 7.17 -7.69
O1 IDA C . 3.37 7.47 -8.40
C9 IDA C . 4.42 6.00 -6.72
C1 IDA C . 3.16 5.45 -6.01
N1 IDA C . 3.36 4.51 -5.03
C4 IDA C . 2.18 4.13 -4.55
C3 IDA C . 1.15 4.86 -5.23
C2 IDA C . 1.75 5.69 -6.16
C5 IDA C . -0.29 4.75 -5.03
C6 IDA C . -0.70 3.95 -3.98
C12 IDA C . -1.99 4.21 -3.11
C13 IDA C . -2.13 5.39 -2.09
C14 IDA C . -1.99 5.92 -0.68
C7 IDA C . 0.32 3.11 -3.31
C8 IDA C . 1.74 3.18 -3.53
C11 IDA C . 2.58 3.01 -2.33
C15 IDA C . 4.04 2.63 -2.21
O3 IDA C . 4.08 1.27 -2.60
O2 IDA C . 4.91 3.45 -2.96
C CO3 D . 3.99 -19.63 -5.40
O1 CO3 D . 4.32 -20.84 -5.08
O2 CO3 D . 3.23 -19.39 -6.45
O3 CO3 D . 4.39 -18.67 -4.61
C CO3 E . 14.66 -2.00 -3.47
O1 CO3 E . 14.66 -1.35 -4.59
O2 CO3 E . 14.65 -3.30 -3.48
O3 CO3 E . 14.64 -1.34 -2.34
S SO4 F . 22.50 -11.24 1.69
O1 SO4 F . 23.64 -11.02 2.56
O2 SO4 F . 22.08 -9.99 1.10
O3 SO4 F . 22.84 -12.18 0.61
O4 SO4 F . 21.46 -11.84 2.52
#